data_7AB1
#
_entry.id   7AB1
#
_cell.length_a   93.302
_cell.length_b   94.120
_cell.length_c   70.734
_cell.angle_alpha   90.000
_cell.angle_beta   90.000
_cell.angle_gamma   90.000
#
_symmetry.space_group_name_H-M   'C 2 2 21'
#
loop_
_entity.id
_entity.type
_entity.pdbx_description
1 polymer 'Tyrosine-protein kinase Mer'
2 non-polymer 6-ethyl-3-[[3-methoxy-4-[4-(4-methylpiperazin-1-yl)piperidin-1-yl]phenyl]amino]-5-(oxan-4-ylamino)pyrazine-2-carboxamide
3 non-polymer 'CHLORIDE ION'
4 non-polymer 'DIMETHYL SULFOXIDE'
5 water water
#
_entity_poly.entity_id   1
_entity_poly.type   'polypeptide(L)'
_entity_poly.pdbx_seq_one_letter_code
;GSHMEELQNKLEDVVIDRNLLILGRILGEGEFGSVMEGNLKQEDGTSLKVAVKTMKLDNSSQREIEEFLSEAACMKDFSH
PNVIRLLGVCIEMSSQGIPKPMVILPFMKYGDLHTYLLYSRLETGPRHIPLQTLLRFMVDIALGMEYLSNRNFLHRDLAA
RNCMLRDDMTVCVADFGLSKKIYSGDYYRQGRIAKMPVKWIAIESLADRVYTSKSDVWAFGVTMWEIATRGMTPYPGVQN
HEMYDYLLHGHRLKQPEDCLDELYEIMYSCWRTDPLDRPTFSVLRLQLERLLESLPDV
;
_entity_poly.pdbx_strand_id   A
#
loop_
_chem_comp.id
_chem_comp.type
_chem_comp.name
_chem_comp.formula
C6F non-polymer 6-ethyl-3-[[3-methoxy-4-[4-(4-methylpiperazin-1-yl)piperidin-1-yl]phenyl]amino]-5-(oxan-4-ylamino)pyrazine-2-carboxamide 'C29 H44 N8 O3'
CL non-polymer 'CHLORIDE ION' 'Cl -1'
DMS non-polymer 'DIMETHYL SULFOXIDE' 'C2 H6 O S'
#
# COMPACT_ATOMS: atom_id res chain seq x y z
N SER A 2 -13.44 -9.71 -26.43
CA SER A 2 -12.52 -10.42 -25.50
C SER A 2 -12.23 -9.48 -24.36
N HIS A 3 -11.49 -8.42 -24.64
CA HIS A 3 -11.26 -7.35 -23.68
C HIS A 3 -12.56 -7.11 -22.90
N MET A 4 -13.65 -6.94 -23.65
CA MET A 4 -14.95 -6.68 -23.05
C MET A 4 -15.46 -7.86 -22.26
N GLU A 5 -15.31 -9.04 -22.85
CA GLU A 5 -15.76 -10.28 -22.26
C GLU A 5 -15.13 -10.53 -20.89
N GLU A 6 -13.81 -10.32 -20.80
CA GLU A 6 -13.08 -10.38 -19.54
C GLU A 6 -13.62 -9.35 -18.54
N LEU A 7 -13.83 -8.11 -18.98
CA LEU A 7 -14.43 -7.08 -18.12
C LEU A 7 -15.80 -7.51 -17.63
N GLN A 8 -16.60 -8.11 -18.51
CA GLN A 8 -17.95 -8.53 -18.10
C GLN A 8 -17.96 -9.59 -17.03
N ASN A 9 -17.01 -10.53 -17.12
CA ASN A 9 -16.90 -11.62 -16.16
C ASN A 9 -16.42 -11.09 -14.83
N LYS A 10 -15.22 -10.48 -14.84
CA LYS A 10 -14.70 -9.78 -13.67
C LYS A 10 -15.80 -8.99 -12.94
N LEU A 11 -16.65 -8.31 -13.70
CA LEU A 11 -17.74 -7.54 -13.13
C LEU A 11 -18.74 -8.42 -12.39
N GLU A 12 -18.97 -9.61 -12.97
CA GLU A 12 -19.93 -10.58 -12.43
C GLU A 12 -19.49 -10.95 -11.03
N ASP A 13 -18.22 -11.33 -10.94
CA ASP A 13 -17.65 -11.85 -9.73
C ASP A 13 -17.63 -10.85 -8.58
N VAL A 14 -17.43 -9.57 -8.88
CA VAL A 14 -17.01 -8.61 -7.88
C VAL A 14 -18.07 -8.21 -6.86
N VAL A 15 -19.34 -8.27 -7.23
CA VAL A 15 -20.42 -7.85 -6.32
C VAL A 15 -20.74 -8.95 -5.31
N ILE A 16 -21.05 -8.53 -4.09
CA ILE A 16 -21.47 -9.40 -3.02
C ILE A 16 -22.81 -8.94 -2.61
N ASP A 17 -23.76 -9.86 -2.51
CA ASP A 17 -25.04 -9.53 -1.90
C ASP A 17 -24.84 -8.98 -0.47
N ARG A 18 -25.40 -7.81 -0.23
CA ARG A 18 -25.35 -7.10 1.05
C ARG A 18 -25.90 -7.89 2.28
N ASN A 19 -26.70 -8.92 2.04
CA ASN A 19 -27.18 -9.83 3.09
C ASN A 19 -26.19 -10.95 3.49
N LEU A 20 -25.07 -11.06 2.76
CA LEU A 20 -23.97 -11.92 3.17
C LEU A 20 -23.02 -11.21 4.15
N LEU A 21 -23.30 -9.96 4.45
CA LEU A 21 -22.38 -9.10 5.15
C LEU A 21 -23.03 -8.49 6.37
N ILE A 22 -22.30 -8.54 7.49
CA ILE A 22 -22.69 -7.91 8.73
C ILE A 22 -21.55 -6.98 9.10
N LEU A 23 -21.88 -5.72 9.32
CA LEU A 23 -20.92 -4.72 9.80
C LEU A 23 -20.81 -4.71 11.32
N GLY A 24 -19.66 -4.22 11.81
CA GLY A 24 -19.32 -4.19 13.21
C GLY A 24 -18.90 -2.82 13.67
N ARG A 25 -18.00 -2.73 14.63
CA ARG A 25 -17.46 -1.45 15.06
C ARG A 25 -16.52 -0.81 14.06
N ILE A 26 -16.31 0.48 14.29
CA ILE A 26 -15.53 1.34 13.43
C ILE A 26 -14.08 1.24 13.84
N LEU A 27 -13.24 0.88 12.89
CA LEU A 27 -11.82 0.76 13.09
C LEU A 27 -11.05 2.06 12.79
N GLY A 28 -11.70 3.03 12.14
CA GLY A 28 -11.05 4.30 11.80
C GLY A 28 -11.86 5.11 10.80
N GLU A 29 -12.42 6.23 11.26
CA GLU A 29 -13.31 7.11 10.48
C GLU A 29 -12.56 8.37 10.05
N GLY A 30 -12.89 8.91 8.87
CA GLY A 30 -12.20 10.10 8.31
C GLY A 30 -12.92 10.85 7.19
N GLU A 31 -12.14 11.35 6.22
CA GLU A 31 -12.65 12.20 5.12
C GLU A 31 -13.43 11.41 4.06
N PHE A 32 -12.72 10.64 3.21
CA PHE A 32 -13.35 9.80 2.16
C PHE A 32 -14.37 8.81 2.77
N GLY A 33 -13.99 8.24 3.90
CA GLY A 33 -14.90 7.52 4.78
C GLY A 33 -14.20 6.64 5.80
N SER A 34 -14.87 5.57 6.21
CA SER A 34 -14.42 4.74 7.34
C SER A 34 -14.04 3.32 6.94
N VAL A 35 -13.31 2.68 7.85
CA VAL A 35 -13.02 1.25 7.81
C VAL A 35 -13.64 0.63 9.04
N MET A 36 -14.39 -0.45 8.83
CA MET A 36 -15.19 -1.10 9.86
C MET A 36 -14.95 -2.59 9.77
N GLU A 37 -15.12 -3.25 10.90
CA GLU A 37 -15.01 -4.67 10.93
C GLU A 37 -16.29 -5.29 10.36
N GLY A 38 -16.18 -6.48 9.79
CA GLY A 38 -17.39 -7.21 9.41
C GLY A 38 -17.24 -8.72 9.37
N ASN A 39 -18.34 -9.39 9.03
CA ASN A 39 -18.40 -10.85 8.82
C ASN A 39 -18.94 -11.06 7.44
N LEU A 40 -18.27 -11.88 6.69
CA LEU A 40 -18.68 -12.18 5.35
C LEU A 40 -19.17 -13.62 5.37
N LYS A 41 -20.43 -13.86 5.01
CA LYS A 41 -20.92 -15.25 4.96
C LYS A 41 -20.32 -15.94 3.72
N GLN A 42 -19.60 -17.03 3.89
CA GLN A 42 -18.91 -17.68 2.79
C GLN A 42 -19.73 -18.83 2.17
N GLU A 43 -19.29 -19.28 0.98
CA GLU A 43 -19.97 -20.34 0.18
C GLU A 43 -20.17 -21.61 1.00
N ASP A 44 -19.15 -21.95 1.79
CA ASP A 44 -19.21 -23.09 2.72
C ASP A 44 -20.11 -22.96 3.97
N GLY A 45 -20.96 -21.95 4.10
CA GLY A 45 -21.84 -21.83 5.28
C GLY A 45 -21.26 -21.17 6.54
N THR A 46 -19.93 -21.04 6.65
CA THR A 46 -19.28 -20.32 7.74
C THR A 46 -19.01 -18.86 7.43
N SER A 47 -18.84 -18.07 8.49
CA SER A 47 -18.50 -16.63 8.37
C SER A 47 -16.99 -16.38 8.52
N LEU A 48 -16.53 -15.27 7.95
CA LEU A 48 -15.19 -14.85 7.88
C LEU A 48 -15.17 -13.44 8.35
N LYS A 49 -14.21 -13.13 9.22
CA LYS A 49 -13.95 -11.75 9.67
C LYS A 49 -13.33 -11.00 8.50
N VAL A 50 -13.91 -9.84 8.21
CA VAL A 50 -13.41 -8.96 7.16
C VAL A 50 -13.30 -7.53 7.63
N ALA A 51 -12.66 -6.74 6.80
CA ALA A 51 -12.66 -5.29 6.95
C ALA A 51 -13.54 -4.75 5.85
N VAL A 52 -14.21 -3.61 6.13
CA VAL A 52 -15.19 -2.98 5.22
C VAL A 52 -14.94 -1.46 5.09
N LYS A 53 -14.52 -1.06 3.90
CA LYS A 53 -14.17 0.34 3.60
C LYS A 53 -15.33 1.07 2.97
N THR A 54 -15.82 2.16 3.57
CA THR A 54 -16.90 2.99 2.96
C THR A 54 -16.37 4.30 2.37
N MET A 55 -16.51 4.49 1.04
CA MET A 55 -16.04 5.68 0.32
C MET A 55 -17.08 6.79 0.25
N SER A 61 -22.71 10.62 -9.08
CA SER A 61 -22.68 10.28 -10.50
C SER A 61 -22.63 8.75 -10.69
N GLN A 62 -23.54 8.24 -11.52
CA GLN A 62 -23.47 6.84 -12.01
C GLN A 62 -22.14 6.51 -12.74
N ARG A 63 -21.49 7.53 -13.34
CA ARG A 63 -20.14 7.39 -13.97
C ARG A 63 -19.02 7.01 -12.93
N GLU A 64 -18.94 7.77 -11.83
CA GLU A 64 -18.00 7.48 -10.75
C GLU A 64 -18.38 6.15 -10.04
N ILE A 65 -19.67 5.85 -9.94
CA ILE A 65 -20.12 4.52 -9.52
C ILE A 65 -19.61 3.39 -10.43
N GLU A 66 -19.72 3.56 -11.75
CA GLU A 66 -19.32 2.53 -12.72
C GLU A 66 -17.80 2.36 -12.78
N GLU A 67 -17.04 3.45 -12.62
CA GLU A 67 -15.56 3.36 -12.60
C GLU A 67 -15.11 2.67 -11.30
N PHE A 68 -15.74 3.02 -10.18
CA PHE A 68 -15.53 2.32 -8.90
C PHE A 68 -15.70 0.82 -9.13
N LEU A 69 -16.88 0.43 -9.66
CA LEU A 69 -17.10 -0.96 -10.01
C LEU A 69 -16.07 -1.56 -10.99
N SER A 70 -15.75 -0.87 -12.09
CA SER A 70 -14.72 -1.41 -13.04
C SER A 70 -13.33 -1.53 -12.40
N GLU A 71 -12.96 -0.52 -11.62
CA GLU A 71 -11.72 -0.52 -10.87
C GLU A 71 -11.71 -1.72 -9.89
N ALA A 72 -12.81 -1.91 -9.16
CA ALA A 72 -12.94 -3.03 -8.20
C ALA A 72 -12.78 -4.37 -8.92
N ALA A 73 -13.42 -4.53 -10.07
CA ALA A 73 -13.27 -5.74 -10.88
C ALA A 73 -11.82 -6.11 -11.27
N CYS A 74 -10.96 -5.12 -11.53
CA CYS A 74 -9.59 -5.42 -11.94
C CYS A 74 -8.73 -5.86 -10.75
N MET A 75 -8.86 -5.13 -9.65
CA MET A 75 -8.17 -5.42 -8.40
C MET A 75 -8.60 -6.74 -7.79
N LYS A 76 -9.86 -7.11 -7.94
CA LYS A 76 -10.32 -8.45 -7.53
C LYS A 76 -9.53 -9.57 -8.25
N ASP A 77 -9.14 -9.31 -9.49
CA ASP A 77 -8.35 -10.29 -10.27
C ASP A 77 -6.92 -10.50 -9.73
N PHE A 78 -6.33 -9.44 -9.13
CA PHE A 78 -5.00 -9.52 -8.46
C PHE A 78 -4.88 -10.62 -7.42
N SER A 79 -3.95 -11.55 -7.64
CA SER A 79 -3.72 -12.64 -6.71
C SER A 79 -2.22 -12.83 -6.43
N HIS A 80 -1.78 -12.34 -5.26
CA HIS A 80 -0.39 -12.42 -4.82
C HIS A 80 -0.41 -12.17 -3.31
N PRO A 81 0.42 -12.90 -2.54
CA PRO A 81 0.29 -12.80 -1.08
C PRO A 81 0.81 -11.47 -0.45
N ASN A 82 1.43 -10.61 -1.27
CA ASN A 82 1.94 -9.32 -0.83
C ASN A 82 1.16 -8.15 -1.45
N VAL A 83 -0.04 -8.46 -1.95
CA VAL A 83 -0.98 -7.48 -2.45
C VAL A 83 -2.33 -7.82 -1.79
N ILE A 84 -2.97 -6.81 -1.23
CA ILE A 84 -4.19 -7.06 -0.46
C ILE A 84 -5.31 -7.50 -1.40
N ARG A 85 -5.94 -8.62 -1.05
CA ARG A 85 -7.03 -9.21 -1.82
C ARG A 85 -8.30 -8.44 -1.60
N LEU A 86 -8.84 -7.88 -2.67
CA LEU A 86 -10.21 -7.43 -2.70
C LEU A 86 -11.24 -8.60 -2.76
N LEU A 87 -12.01 -8.78 -1.69
CA LEU A 87 -13.03 -9.85 -1.63
C LEU A 87 -14.29 -9.56 -2.47
N GLY A 88 -14.69 -8.29 -2.51
CA GLY A 88 -15.78 -7.85 -3.35
C GLY A 88 -16.25 -6.47 -2.94
N VAL A 89 -17.43 -6.09 -3.44
CA VAL A 89 -18.01 -4.78 -3.21
C VAL A 89 -19.52 -4.91 -2.99
N CYS A 90 -20.06 -4.02 -2.16
CA CYS A 90 -21.50 -3.76 -2.03
C CYS A 90 -21.68 -2.30 -2.29
N ILE A 91 -22.85 -1.92 -2.81
CA ILE A 91 -23.24 -0.50 -2.89
C ILE A 91 -24.62 -0.42 -2.27
N GLU A 92 -24.74 0.19 -1.08
CA GLU A 92 -26.03 0.38 -0.40
C GLU A 92 -26.43 1.86 -0.47
N MET A 93 -27.67 2.13 -0.88
CA MET A 93 -28.18 3.51 -1.07
C MET A 93 -28.59 4.19 0.24
N SER A 94 -28.46 5.51 0.26
CA SER A 94 -28.76 6.29 1.45
C SER A 94 -30.25 6.63 1.55
N SER A 95 -30.64 7.20 2.68
CA SER A 95 -31.96 7.81 2.85
C SER A 95 -32.07 9.10 2.02
N GLN A 96 -30.98 9.85 1.89
CA GLN A 96 -30.94 11.03 0.99
C GLN A 96 -30.74 10.65 -0.48
N GLY A 97 -30.36 9.40 -0.75
CA GLY A 97 -30.35 8.83 -2.11
C GLY A 97 -29.00 8.71 -2.80
N ILE A 98 -27.92 9.17 -2.17
CA ILE A 98 -26.56 9.02 -2.73
C ILE A 98 -26.09 7.56 -2.55
N PRO A 99 -25.38 6.99 -3.56
CA PRO A 99 -24.88 5.61 -3.38
C PRO A 99 -23.69 5.53 -2.39
N LYS A 100 -23.68 4.50 -1.53
CA LYS A 100 -22.58 4.27 -0.57
C LYS A 100 -21.85 2.97 -0.93
N PRO A 101 -20.72 3.06 -1.66
CA PRO A 101 -19.98 1.91 -2.16
C PRO A 101 -19.01 1.29 -1.12
N MET A 102 -19.29 0.07 -0.70
CA MET A 102 -18.48 -0.62 0.32
C MET A 102 -17.47 -1.53 -0.36
N VAL A 103 -16.21 -1.46 0.07
CA VAL A 103 -15.18 -2.41 -0.35
C VAL A 103 -14.92 -3.41 0.78
N ILE A 104 -14.87 -4.70 0.44
CA ILE A 104 -14.62 -5.77 1.41
C ILE A 104 -13.20 -6.35 1.25
N LEU A 105 -12.49 -6.36 2.37
CA LEU A 105 -11.12 -6.78 2.42
C LEU A 105 -10.95 -7.79 3.56
N PRO A 106 -9.97 -8.70 3.42
CA PRO A 106 -9.61 -9.58 4.49
C PRO A 106 -9.11 -8.78 5.66
N PHE A 107 -9.39 -9.26 6.86
CA PHE A 107 -9.08 -8.49 8.04
C PHE A 107 -7.56 -8.52 8.21
N MET A 108 -6.95 -7.38 8.57
CA MET A 108 -5.49 -7.37 8.80
C MET A 108 -5.34 -7.07 10.29
N LYS A 109 -5.16 -8.14 11.07
CA LYS A 109 -5.16 -8.07 12.53
C LYS A 109 -4.33 -6.91 13.10
N TYR A 110 -3.14 -6.69 12.55
CA TYR A 110 -2.18 -5.75 13.12
C TYR A 110 -2.27 -4.34 12.57
N GLY A 111 -3.25 -4.05 11.72
CA GLY A 111 -3.42 -2.72 11.16
C GLY A 111 -2.30 -2.33 10.18
N ASP A 112 -2.10 -1.02 9.98
CA ASP A 112 -1.09 -0.53 9.03
C ASP A 112 0.29 -0.54 9.58
N LEU A 113 1.22 -0.69 8.66
CA LEU A 113 2.64 -0.80 9.01
C LEU A 113 3.18 0.44 9.71
N HIS A 114 2.75 1.63 9.30
CA HIS A 114 3.34 2.85 9.90
C HIS A 114 3.02 2.90 11.40
N THR A 115 1.74 2.81 11.74
CA THR A 115 1.31 2.72 13.16
C THR A 115 2.01 1.60 13.94
N TYR A 116 2.14 0.45 13.34
CA TYR A 116 2.77 -0.66 13.98
C TYR A 116 4.20 -0.38 14.37
N LEU A 117 4.98 0.24 13.44
CA LEU A 117 6.34 0.65 13.70
C LEU A 117 6.40 1.64 14.85
N LEU A 118 5.48 2.58 14.86
CA LEU A 118 5.43 3.55 15.95
C LEU A 118 5.10 2.85 17.25
N TYR A 119 4.10 1.98 17.25
CA TYR A 119 3.73 1.27 18.49
C TYR A 119 4.88 0.45 19.02
N SER A 120 5.72 -0.03 18.12
CA SER A 120 6.84 -0.87 18.53
C SER A 120 7.88 -0.15 19.42
N ARG A 121 7.89 1.16 19.41
CA ARG A 121 8.82 1.92 20.24
C ARG A 121 8.22 2.25 21.59
N LEU A 122 7.02 1.74 21.85
CA LEU A 122 6.41 1.80 23.16
C LEU A 122 6.58 0.46 23.84
N GLU A 123 6.66 0.52 25.17
CA GLU A 123 6.77 -0.68 26.00
C GLU A 123 5.69 -1.68 25.71
N THR A 124 4.44 -1.24 25.84
CA THR A 124 3.33 -2.16 25.75
C THR A 124 2.95 -2.46 24.29
N GLY A 125 3.58 -1.77 23.33
CA GLY A 125 3.39 -2.13 21.92
C GLY A 125 4.17 -3.39 21.56
N PRO A 126 4.13 -3.82 20.26
CA PRO A 126 5.01 -4.87 19.75
C PRO A 126 6.43 -4.71 20.24
N ARG A 127 7.13 -5.81 20.44
CA ARG A 127 8.54 -5.76 20.82
C ARG A 127 9.37 -4.96 19.81
N HIS A 128 10.50 -4.47 20.27
CA HIS A 128 11.46 -3.84 19.40
C HIS A 128 11.58 -4.69 18.13
N ILE A 129 11.60 -4.05 16.97
CA ILE A 129 11.62 -4.80 15.74
C ILE A 129 13.04 -4.99 15.31
N PRO A 130 13.49 -6.24 15.25
CA PRO A 130 14.86 -6.45 14.80
C PRO A 130 15.10 -6.09 13.33
N LEU A 131 16.33 -5.71 13.02
CA LEU A 131 16.70 -5.24 11.67
C LEU A 131 16.26 -6.24 10.57
N GLN A 132 16.32 -7.53 10.89
CA GLN A 132 15.95 -8.63 9.98
C GLN A 132 14.49 -8.57 9.58
N THR A 133 13.64 -8.28 10.57
CA THR A 133 12.22 -8.16 10.36
C THR A 133 11.94 -6.94 9.51
N LEU A 134 12.62 -5.84 9.80
CA LEU A 134 12.38 -4.62 9.05
C LEU A 134 12.70 -4.80 7.55
N LEU A 135 13.80 -5.47 7.28
CA LEU A 135 14.22 -5.74 5.94
C LEU A 135 13.27 -6.77 5.29
N ARG A 136 12.70 -7.70 6.08
CA ARG A 136 11.64 -8.62 5.57
C ARG A 136 10.37 -7.89 5.15
N PHE A 137 9.93 -6.94 5.95
CA PHE A 137 8.90 -6.00 5.53
C PHE A 137 9.24 -5.39 4.16
N MET A 138 10.49 -4.97 3.94
CA MET A 138 10.82 -4.30 2.67
C MET A 138 10.71 -5.27 1.50
N VAL A 139 11.09 -6.50 1.73
CA VAL A 139 11.08 -7.52 0.70
C VAL A 139 9.64 -7.82 0.27
N ASP A 140 8.80 -8.03 1.27
CA ASP A 140 7.39 -8.25 1.07
C ASP A 140 6.76 -7.13 0.20
N ILE A 141 7.11 -5.90 0.54
CA ILE A 141 6.56 -4.74 -0.19
C ILE A 141 7.11 -4.71 -1.62
N ALA A 142 8.41 -4.90 -1.76
CA ALA A 142 9.01 -4.99 -3.10
C ALA A 142 8.33 -6.11 -3.90
N LEU A 143 8.05 -7.24 -3.27
CA LEU A 143 7.38 -8.36 -3.97
C LEU A 143 5.99 -8.02 -4.43
N GLY A 144 5.24 -7.36 -3.55
CA GLY A 144 3.96 -6.79 -3.89
C GLY A 144 3.98 -5.89 -5.09
N MET A 145 4.95 -4.97 -5.12
CA MET A 145 5.06 -3.95 -6.14
C MET A 145 5.60 -4.49 -7.46
N GLU A 146 6.46 -5.49 -7.38
CA GLU A 146 6.88 -6.26 -8.54
C GLU A 146 5.68 -6.88 -9.26
N TYR A 147 4.77 -7.52 -8.49
CA TYR A 147 3.55 -8.12 -9.03
C TYR A 147 2.74 -7.09 -9.77
N LEU A 148 2.54 -5.94 -9.13
CA LEU A 148 1.83 -4.84 -9.72
C LEU A 148 2.49 -4.28 -10.98
N SER A 149 3.79 -4.05 -10.92
CA SER A 149 4.46 -3.47 -12.07
C SER A 149 4.37 -4.44 -13.27
N ASN A 150 4.45 -5.74 -13.02
CA ASN A 150 4.20 -6.76 -14.06
C ASN A 150 2.79 -6.83 -14.66
N ARG A 151 1.79 -6.38 -13.93
CA ARG A 151 0.47 -6.12 -14.48
C ARG A 151 0.29 -4.67 -15.00
N ASN A 152 1.41 -3.96 -15.22
CA ASN A 152 1.46 -2.50 -15.48
C ASN A 152 0.51 -1.62 -14.66
N PHE A 153 0.20 -2.01 -13.43
CA PHE A 153 -0.70 -1.24 -12.61
C PHE A 153 0.14 -0.27 -11.76
N LEU A 154 -0.25 1.00 -11.66
CA LEU A 154 0.46 1.94 -10.79
C LEU A 154 -0.24 2.02 -9.45
N HIS A 155 0.53 2.23 -8.39
CA HIS A 155 -0.02 2.27 -7.04
C HIS A 155 -0.47 3.67 -6.85
N ARG A 156 0.44 4.60 -7.11
CA ARG A 156 0.21 6.00 -6.97
C ARG A 156 0.46 6.53 -5.55
N ASP A 157 0.03 5.79 -4.53
CA ASP A 157 0.16 6.24 -3.14
C ASP A 157 0.89 5.24 -2.22
N LEU A 158 2.07 4.81 -2.61
CA LEU A 158 2.83 3.89 -1.77
C LEU A 158 3.48 4.67 -0.62
N ALA A 159 3.26 4.17 0.58
CA ALA A 159 3.75 4.70 1.85
C ALA A 159 3.56 3.63 2.90
N ALA A 160 4.22 3.79 4.06
CA ALA A 160 4.11 2.77 5.09
C ALA A 160 2.70 2.68 5.67
N ARG A 161 1.95 3.79 5.69
CA ARG A 161 0.56 3.83 6.17
C ARG A 161 -0.46 3.07 5.29
N ASN A 162 -0.10 2.83 4.03
CA ASN A 162 -0.83 1.97 3.07
C ASN A 162 -0.35 0.54 2.89
N CYS A 163 0.58 0.09 3.73
CA CYS A 163 0.96 -1.31 3.78
C CYS A 163 0.30 -1.87 5.01
N MET A 164 -0.19 -3.10 4.90
CA MET A 164 -0.99 -3.70 5.98
C MET A 164 -0.31 -4.96 6.46
N LEU A 165 -0.42 -5.22 7.76
CA LEU A 165 0.19 -6.41 8.40
C LEU A 165 -0.81 -7.47 8.78
N ARG A 166 -0.59 -8.64 8.21
CA ARG A 166 -1.50 -9.75 8.30
C ARG A 166 -1.19 -10.50 9.58
N ASP A 167 -2.15 -11.29 10.08
CA ASP A 167 -1.94 -12.24 11.20
C ASP A 167 -0.49 -12.74 11.30
N ASP A 168 0.05 -13.21 10.17
CA ASP A 168 1.34 -13.87 10.16
C ASP A 168 2.52 -12.94 9.94
N MET A 169 2.32 -11.63 10.09
CA MET A 169 3.38 -10.63 9.94
C MET A 169 3.95 -10.52 8.52
N THR A 170 3.26 -11.13 7.53
CA THR A 170 3.41 -10.78 6.11
C THR A 170 2.91 -9.36 5.87
N VAL A 171 3.69 -8.57 5.13
CA VAL A 171 3.23 -7.25 4.66
C VAL A 171 2.62 -7.40 3.26
N CYS A 172 1.51 -6.72 3.06
CA CYS A 172 0.96 -6.57 1.74
C CYS A 172 0.64 -5.11 1.50
N VAL A 173 0.88 -4.72 0.26
CA VAL A 173 0.52 -3.40 -0.24
C VAL A 173 -1.02 -3.30 -0.41
N ALA A 174 -1.51 -2.09 -0.20
CA ALA A 174 -2.93 -1.75 -0.19
C ALA A 174 -3.14 -0.31 -0.66
N ASP A 175 -4.43 0.06 -0.72
CA ASP A 175 -4.92 1.41 -1.11
C ASP A 175 -4.34 1.98 -2.41
N PHE A 176 -4.35 1.15 -3.46
CA PHE A 176 -3.73 1.46 -4.76
C PHE A 176 -4.69 1.76 -5.91
N PRO A 197 0.55 13.99 -0.36
CA PRO A 197 1.70 13.26 0.16
C PRO A 197 2.93 13.67 -0.65
N VAL A 198 3.26 14.96 -0.57
CA VAL A 198 4.32 15.57 -1.39
C VAL A 198 5.66 14.86 -1.19
N LYS A 199 5.93 14.55 0.09
CA LYS A 199 7.18 13.95 0.49
C LYS A 199 7.38 12.56 -0.06
N TRP A 200 6.34 11.92 -0.59
CA TRP A 200 6.50 10.63 -1.24
C TRP A 200 6.61 10.70 -2.77
N ILE A 201 6.55 11.87 -3.35
CA ILE A 201 6.33 11.98 -4.80
C ILE A 201 7.62 12.24 -5.51
N ALA A 202 7.84 11.52 -6.61
CA ALA A 202 9.11 11.63 -7.34
C ALA A 202 9.34 13.05 -7.86
N ILE A 203 10.60 13.47 -7.96
CA ILE A 203 10.95 14.78 -8.54
C ILE A 203 10.25 15.03 -9.87
N GLU A 204 10.30 14.07 -10.78
CA GLU A 204 9.73 14.27 -12.12
C GLU A 204 8.22 14.52 -12.07
N SER A 205 7.55 13.87 -11.11
CA SER A 205 6.10 13.98 -10.93
C SER A 205 5.67 15.26 -10.24
N LEU A 206 6.54 15.81 -9.41
CA LEU A 206 6.28 17.14 -8.85
C LEU A 206 6.27 18.11 -10.01
N ALA A 207 7.39 18.14 -10.76
CA ALA A 207 7.54 18.98 -11.96
C ALA A 207 6.48 18.76 -13.05
N ASP A 208 6.60 17.66 -13.79
CA ASP A 208 5.82 17.44 -15.01
C ASP A 208 4.57 16.58 -14.79
N ARG A 209 3.99 16.58 -13.58
CA ARG A 209 2.84 15.71 -13.21
C ARG A 209 2.76 14.27 -13.82
N VAL A 210 3.90 13.74 -14.28
CA VAL A 210 3.97 12.46 -15.02
C VAL A 210 4.46 11.32 -14.09
N TYR A 211 3.84 10.15 -14.18
CA TYR A 211 3.96 9.08 -13.17
C TYR A 211 4.07 7.68 -13.79
N THR A 212 5.25 7.06 -13.68
CA THR A 212 5.54 5.71 -14.16
C THR A 212 5.70 4.78 -12.98
N SER A 213 6.05 3.53 -13.27
CA SER A 213 6.48 2.61 -12.22
C SER A 213 7.70 3.12 -11.49
N LYS A 214 8.58 3.84 -12.20
CA LYS A 214 9.77 4.42 -11.61
C LYS A 214 9.44 5.52 -10.56
N SER A 215 8.30 6.15 -10.71
CA SER A 215 7.71 7.00 -9.67
C SER A 215 7.21 6.22 -8.48
N ASP A 216 6.59 5.05 -8.70
CA ASP A 216 6.33 4.15 -7.58
C ASP A 216 7.64 3.74 -6.87
N VAL A 217 8.70 3.49 -7.68
CA VAL A 217 10.01 3.14 -7.14
C VAL A 217 10.51 4.21 -6.21
N TRP A 218 10.40 5.47 -6.63
CA TRP A 218 10.71 6.57 -5.73
C TRP A 218 9.96 6.41 -4.41
N ALA A 219 8.66 6.23 -4.47
CA ALA A 219 7.84 6.11 -3.25
C ALA A 219 8.23 4.94 -2.38
N PHE A 220 8.57 3.82 -3.02
CA PHE A 220 9.18 2.69 -2.33
C PHE A 220 10.42 3.00 -1.56
N GLY A 221 11.34 3.72 -2.21
CA GLY A 221 12.53 4.15 -1.55
C GLY A 221 12.22 4.95 -0.31
N VAL A 222 11.23 5.83 -0.38
CA VAL A 222 10.79 6.56 0.81
C VAL A 222 10.18 5.64 1.86
N THR A 223 9.40 4.69 1.42
CA THR A 223 8.79 3.76 2.35
C THR A 223 9.85 2.96 3.08
N MET A 224 10.91 2.57 2.36
CA MET A 224 12.00 1.87 3.00
C MET A 224 12.62 2.67 4.15
N TRP A 225 12.77 3.95 3.92
CA TRP A 225 13.31 4.86 4.89
C TRP A 225 12.35 4.97 6.05
N GLU A 226 11.07 5.05 5.78
CA GLU A 226 10.09 5.13 6.92
C GLU A 226 10.23 3.91 7.78
N ILE A 227 10.41 2.76 7.13
CA ILE A 227 10.61 1.51 7.86
C ILE A 227 11.91 1.51 8.68
N ALA A 228 13.03 1.84 8.04
CA ALA A 228 14.35 1.83 8.68
C ALA A 228 14.45 2.86 9.86
N THR A 229 13.71 3.97 9.81
CA THR A 229 13.63 4.94 10.93
C THR A 229 12.52 4.61 11.93
N ARG A 230 11.83 3.49 11.73
CA ARG A 230 10.74 3.08 12.59
C ARG A 230 9.69 4.15 12.71
N GLY A 231 9.39 4.78 11.57
CA GLY A 231 8.19 5.64 11.45
C GLY A 231 8.35 7.14 11.46
N MET A 232 9.55 7.65 11.26
CA MET A 232 9.78 9.08 11.11
C MET A 232 9.16 9.63 9.86
N THR A 233 8.69 10.87 9.94
CA THR A 233 8.20 11.55 8.79
C THR A 233 9.42 11.89 7.91
N PRO A 234 9.33 11.64 6.62
CA PRO A 234 10.50 11.96 5.77
C PRO A 234 10.92 13.46 5.81
N TYR A 235 12.22 13.68 5.66
CA TYR A 235 12.86 14.99 5.63
C TYR A 235 12.45 15.84 6.82
N PRO A 236 12.91 15.46 8.03
CA PRO A 236 12.72 16.37 9.16
C PRO A 236 13.36 17.74 8.87
N GLY A 237 12.65 18.80 9.22
CA GLY A 237 13.21 20.15 9.08
C GLY A 237 13.03 20.77 7.71
N VAL A 238 12.47 20.01 6.77
CA VAL A 238 12.06 20.49 5.45
C VAL A 238 10.53 20.44 5.36
N GLN A 239 9.88 21.52 4.91
CA GLN A 239 8.40 21.58 4.81
C GLN A 239 7.90 21.28 3.39
N ASN A 240 6.65 20.88 3.26
CA ASN A 240 6.14 20.41 1.97
C ASN A 240 6.41 21.39 0.85
N HIS A 241 6.17 22.67 1.13
CA HIS A 241 6.34 23.72 0.12
C HIS A 241 7.79 23.92 -0.30
N GLU A 242 8.74 23.48 0.53
CA GLU A 242 10.16 23.55 0.23
C GLU A 242 10.67 22.39 -0.65
N MET A 243 9.84 21.37 -0.87
CA MET A 243 10.36 20.08 -1.33
C MET A 243 10.92 20.00 -2.76
N TYR A 244 10.25 20.61 -3.74
CA TYR A 244 10.76 20.53 -5.12
C TYR A 244 12.16 21.13 -5.26
N ASP A 245 12.40 22.27 -4.63
CA ASP A 245 13.70 22.91 -4.72
C ASP A 245 14.72 22.11 -3.96
N TYR A 246 14.33 21.62 -2.78
CA TYR A 246 15.23 20.79 -1.98
C TYR A 246 15.71 19.63 -2.86
N LEU A 247 14.77 18.97 -3.52
CA LEU A 247 15.09 17.88 -4.46
C LEU A 247 15.84 18.37 -5.71
N LEU A 248 15.35 19.47 -6.30
CA LEU A 248 15.95 20.05 -7.53
C LEU A 248 17.43 20.41 -7.40
N HIS A 249 17.86 20.73 -6.17
CA HIS A 249 19.30 20.91 -5.84
C HIS A 249 20.04 19.62 -5.41
N GLY A 250 19.51 18.43 -5.74
CA GLY A 250 20.20 17.16 -5.47
C GLY A 250 20.19 16.59 -4.06
N HIS A 251 19.44 17.21 -3.14
CA HIS A 251 19.40 16.66 -1.76
C HIS A 251 18.35 15.59 -1.72
N ARG A 252 18.66 14.53 -0.99
CA ARG A 252 17.76 13.37 -0.79
C ARG A 252 17.69 13.02 0.68
N LEU A 253 16.82 12.10 1.04
CA LEU A 253 16.77 11.63 2.43
C LEU A 253 18.12 11.16 2.93
N LYS A 254 18.38 11.43 4.19
CA LYS A 254 19.63 11.08 4.81
C LYS A 254 19.60 9.65 5.32
N GLN A 255 20.78 9.07 5.50
CA GLN A 255 20.92 7.75 6.03
C GLN A 255 20.58 7.67 7.51
N PRO A 256 19.67 6.75 7.87
CA PRO A 256 19.35 6.69 9.29
C PRO A 256 20.46 6.00 10.06
N GLU A 257 20.58 6.34 11.35
CA GLU A 257 21.56 5.68 12.22
C GLU A 257 21.18 4.24 12.30
N ASP A 258 22.19 3.36 12.31
CA ASP A 258 21.97 1.89 12.29
C ASP A 258 21.24 1.35 11.04
N CYS A 259 21.36 2.04 9.92
CA CYS A 259 20.90 1.52 8.63
C CYS A 259 22.17 1.12 7.89
N LEU A 260 22.25 -0.14 7.49
CA LEU A 260 23.40 -0.64 6.76
C LEU A 260 23.58 0.20 5.52
N ASP A 261 24.85 0.48 5.22
CA ASP A 261 25.20 1.22 3.99
C ASP A 261 24.63 0.56 2.75
N GLU A 262 24.61 -0.77 2.71
CA GLU A 262 24.11 -1.49 1.53
C GLU A 262 22.60 -1.22 1.40
N LEU A 263 21.91 -1.23 2.54
CA LEU A 263 20.48 -0.93 2.55
C LEU A 263 20.27 0.49 2.06
N TYR A 264 21.08 1.43 2.54
CA TYR A 264 20.97 2.84 2.16
C TYR A 264 21.26 3.07 0.68
N GLU A 265 22.24 2.35 0.16
CA GLU A 265 22.55 2.38 -1.29
C GLU A 265 21.36 1.95 -2.12
N ILE A 266 20.70 0.89 -1.67
CA ILE A 266 19.50 0.38 -2.37
C ILE A 266 18.44 1.45 -2.35
N MET A 267 18.12 2.00 -1.18
CA MET A 267 17.13 3.09 -1.12
C MET A 267 17.56 4.37 -1.88
N TYR A 268 18.82 4.77 -1.78
CA TYR A 268 19.30 5.94 -2.57
C TYR A 268 19.13 5.75 -4.09
N SER A 269 19.36 4.54 -4.63
CA SER A 269 19.12 4.26 -6.08
C SER A 269 17.66 4.51 -6.53
N CYS A 270 16.70 4.37 -5.59
CA CYS A 270 15.33 4.71 -5.86
C CYS A 270 15.05 6.21 -6.15
N TRP A 271 15.93 7.10 -5.72
CA TRP A 271 15.72 8.53 -5.89
C TRP A 271 16.62 9.16 -6.96
N ARG A 272 17.23 8.35 -7.84
CA ARG A 272 18.06 8.90 -8.90
C ARG A 272 17.25 9.86 -9.73
N THR A 273 17.89 10.93 -10.18
CA THR A 273 17.19 11.99 -10.85
C THR A 273 16.55 11.49 -12.12
N ASP A 274 17.33 10.84 -12.97
CA ASP A 274 16.76 10.21 -14.14
C ASP A 274 16.01 8.93 -13.68
N PRO A 275 14.70 8.86 -13.93
CA PRO A 275 13.96 7.66 -13.51
C PRO A 275 14.32 6.41 -14.29
N LEU A 276 14.93 6.60 -15.47
CA LEU A 276 15.51 5.49 -16.21
C LEU A 276 16.65 4.89 -15.47
N ASP A 277 17.39 5.72 -14.73
CA ASP A 277 18.50 5.17 -13.94
C ASP A 277 18.07 4.40 -12.68
N ARG A 278 16.79 4.48 -12.30
CA ARG A 278 16.34 3.78 -11.07
C ARG A 278 16.19 2.32 -11.38
N PRO A 279 16.47 1.46 -10.40
CA PRO A 279 16.14 0.05 -10.59
C PRO A 279 14.63 -0.25 -10.75
N THR A 280 14.32 -1.34 -11.45
CA THR A 280 12.96 -1.91 -11.41
C THR A 280 12.71 -2.54 -10.05
N PHE A 281 11.43 -2.75 -9.73
CA PHE A 281 11.04 -3.48 -8.52
C PHE A 281 11.62 -4.86 -8.50
N SER A 282 11.69 -5.49 -9.67
CA SER A 282 12.24 -6.81 -9.73
C SER A 282 13.71 -6.80 -9.37
N VAL A 283 14.46 -5.81 -9.86
CA VAL A 283 15.85 -5.62 -9.50
C VAL A 283 15.94 -5.32 -7.98
N LEU A 284 15.09 -4.44 -7.44
CA LEU A 284 15.16 -4.10 -5.99
C LEU A 284 14.89 -5.31 -5.11
N ARG A 285 13.82 -6.03 -5.42
CA ARG A 285 13.47 -7.20 -4.70
C ARG A 285 14.62 -8.19 -4.61
N LEU A 286 15.34 -8.36 -5.72
CA LEU A 286 16.44 -9.28 -5.77
C LEU A 286 17.56 -8.75 -4.87
N GLN A 287 17.89 -7.46 -4.97
CA GLN A 287 18.84 -6.90 -3.98
C GLN A 287 18.41 -7.08 -2.54
N LEU A 288 17.17 -6.77 -2.21
CA LEU A 288 16.71 -6.85 -0.83
C LEU A 288 16.77 -8.26 -0.26
N GLU A 289 16.33 -9.25 -1.03
CA GLU A 289 16.42 -10.66 -0.60
C GLU A 289 17.87 -11.13 -0.42
N ARG A 290 18.78 -10.66 -1.27
CA ARG A 290 20.16 -11.09 -1.18
C ARG A 290 20.72 -10.56 0.11
N LEU A 291 20.67 -9.24 0.29
CA LEU A 291 21.00 -8.63 1.58
C LEU A 291 20.38 -9.35 2.81
N LEU A 292 19.10 -9.71 2.76
CA LEU A 292 18.49 -10.38 3.90
C LEU A 292 19.16 -11.72 4.18
N GLU A 293 19.39 -12.50 3.10
CA GLU A 293 20.03 -13.81 3.21
C GLU A 293 21.43 -13.73 3.84
N SER A 294 22.17 -12.67 3.50
CA SER A 294 23.49 -12.46 4.07
C SER A 294 23.51 -12.03 5.56
N LEU A 295 22.37 -12.00 6.25
CA LEU A 295 22.35 -11.66 7.67
C LEU A 295 22.49 -12.90 8.57
N PRO A 296 23.28 -12.79 9.65
CA PRO A 296 23.43 -13.92 10.57
C PRO A 296 22.44 -13.83 11.73
C1 C6F B . -6.56 -1.09 3.39
C2 C6F B . -7.53 -0.36 4.28
C3 C6F B . -7.56 -0.92 5.69
C5 C6F B . -7.81 -2.84 6.96
C6 C6F B . -8.05 -4.33 6.92
N10 C6F B . -7.70 -2.78 9.39
C11 C6F B . -7.39 -2.41 10.71
C12 C6F B . -7.30 -3.43 11.64
C16 C6F B . -5.13 -1.07 14.98
C17 C6F B . -4.80 -1.18 16.47
C18 C6F B . -5.86 -0.47 17.31
C19 C6F B . -7.25 -1.02 16.96
C23 C6F B . -6.08 0.76 20.89
C27 C6F B . -4.30 -0.71 19.26
O29 C6F B . -6.65 0.44 12.92
C30 C6F B . -7.04 1.55 12.10
C31 C6F B . -7.18 -1.09 11.11
C33 C6F B . -7.39 -0.19 6.89
C35 C6F B . -6.64 1.94 7.97
C36 C6F B . -7.43 3.23 8.11
C37 C6F B . -6.81 4.06 9.21
C39 C6F B . -4.69 3.11 8.84
C40 C6F B . -5.18 2.25 7.71
N4 C6F B . -7.77 -2.24 5.76
O7 C6F B . -8.22 -4.98 7.96
N8 C6F B . -8.07 -4.89 5.72
C9 C6F B . -7.65 -2.14 8.18
C13 C6F B . -6.99 -3.16 12.97
C14 C6F B . -6.79 -1.86 13.38
N15 C6F B . -6.48 -1.58 14.70
C20 C6F B . -7.52 -0.90 15.47
N21 C6F B . -5.66 -0.43 18.78
C22 C6F B . -6.13 0.84 19.38
N24 C6F B . -4.73 0.48 21.36
C25 C6F B . -4.69 0.41 22.83
C26 C6F B . -4.26 -0.78 20.78
C28 C6F B . -6.87 -0.83 12.43
N32 C6F B . -7.45 -0.81 8.09
N34 C6F B . -7.19 1.14 6.87
O38 C6F B . -5.43 4.32 8.95
CL CL C . 16.36 13.49 5.74
CL CL D . 8.99 9.48 14.82
CL CL E . -4.58 -10.74 1.51
CL CL F . -25.15 -5.15 9.08
S DMS G . 21.99 13.77 0.77
O DMS G . 21.31 15.06 1.04
C1 DMS G . 23.69 13.93 0.93
C2 DMS G . 21.74 12.60 1.99
#